data_7RHT
#
_entry.id   7RHT
#
_cell.length_a   64.850
_cell.length_b   75.840
_cell.length_c   88.970
_cell.angle_alpha   90.000
_cell.angle_beta   90.000
_cell.angle_gamma   90.000
#
_symmetry.space_group_name_H-M   'P 21 21 21'
#
loop_
_entity.id
_entity.type
_entity.pdbx_description
1 polymer 'Importin subunit alpha-7'
2 water water
#
_entity_poly.entity_id   1
_entity_poly.type   'polypeptide(L)'
_entity_poly.pdbx_seq_one_letter_code
;GEAAMFDSLLMDSYVSSTTGESVITREMVEMLFSDDSDLQLATTQKFRKLLSKEPSPPIDEVINTPRVVDRFVEFLKRNE
NCTLQFEAAWALTNIASGTSQQTKIVIEAGAVPIFIELLNSDFEDVQEQAVWALGNIAGDSSVCRDYVLNCSILNPLLTL
LTKSTRLTMTRNAVWALSNLCRGKNPPPEFAKVSPCLPVLSRLLFSSDSDLLADACWALSYLSDGPNEKIQAVIDSGVCR
RLVELLMHNDYKVASPALRAVGNIVTGDDIQTQVILNCSALPCLLHLLSSPKESIRKEACWTISNITAGNRAQIQAVIDA
NIFPVLIEILQKAEFRTRKEAAWAITNATSGGTPEQIRYLVSLGCIKPLCDLLTVMDSKIVQVALNGLENILRLGEQEGK
RSGSGVNPYCGLIEEAYGLDKIEFLQSHENQEIYQKAFDLIEHYFGVEDDDSSLAPQVDETQQQFIFQQPEAPMEGFQL
;
_entity_poly.pdbx_strand_id   A
#
# COMPACT_ATOMS: atom_id res chain seq x y z
N VAL A 23 -37.28 -15.37 0.51
CA VAL A 23 -37.41 -15.39 1.96
C VAL A 23 -37.12 -16.79 2.49
N ILE A 24 -36.78 -16.88 3.77
CA ILE A 24 -36.60 -18.17 4.43
C ILE A 24 -37.96 -18.65 4.92
N THR A 25 -38.31 -19.87 4.54
CA THR A 25 -39.61 -20.43 4.89
C THR A 25 -39.52 -21.17 6.22
N ARG A 26 -40.67 -21.29 6.88
CA ARG A 26 -40.73 -22.06 8.12
C ARG A 26 -40.36 -23.52 7.86
N GLU A 27 -40.62 -24.03 6.64
CA GLU A 27 -40.19 -25.39 6.30
C GLU A 27 -38.68 -25.50 6.23
N MET A 28 -38.02 -24.47 5.67
CA MET A 28 -36.56 -24.48 5.64
C MET A 28 -35.97 -24.57 7.03
N VAL A 29 -36.48 -23.75 7.95
CA VAL A 29 -35.95 -23.76 9.32
C VAL A 29 -36.21 -25.10 9.99
N GLU A 30 -37.41 -25.65 9.80
CA GLU A 30 -37.73 -26.94 10.40
C GLU A 30 -36.81 -28.03 9.88
N MET A 31 -36.55 -28.04 8.57
CA MET A 31 -35.70 -29.09 8.00
C MET A 31 -34.24 -28.91 8.37
N LEU A 32 -33.78 -27.65 8.51
CA LEU A 32 -32.40 -27.43 8.91
C LEU A 32 -32.12 -28.06 10.27
N PHE A 33 -33.09 -28.03 11.17
CA PHE A 33 -32.96 -28.60 12.50
C PHE A 33 -33.50 -30.03 12.59
N SER A 34 -33.79 -30.66 11.46
CA SER A 34 -34.24 -32.04 11.45
C SER A 34 -33.07 -32.94 11.86
N ASP A 35 -33.28 -34.26 11.77
CA ASP A 35 -32.26 -35.22 12.13
C ASP A 35 -31.76 -36.05 10.95
N ASP A 36 -32.42 -35.98 9.80
CA ASP A 36 -32.01 -36.73 8.62
C ASP A 36 -31.06 -35.88 7.79
N SER A 37 -29.91 -36.45 7.44
CA SER A 37 -28.87 -35.68 6.77
C SER A 37 -29.32 -35.21 5.38
N ASP A 38 -30.26 -35.92 4.76
CA ASP A 38 -30.69 -35.55 3.42
C ASP A 38 -31.37 -34.20 3.41
N LEU A 39 -32.40 -34.02 4.25
CA LEU A 39 -33.06 -32.72 4.32
C LEU A 39 -32.10 -31.65 4.85
N GLN A 40 -31.19 -32.00 5.76
CA GLN A 40 -30.19 -31.05 6.22
C GLN A 40 -29.38 -30.49 5.06
N LEU A 41 -28.87 -31.38 4.20
CA LEU A 41 -28.08 -30.94 3.07
C LEU A 41 -28.91 -30.13 2.07
N ALA A 42 -30.14 -30.59 1.80
CA ALA A 42 -30.99 -29.88 0.86
C ALA A 42 -31.27 -28.46 1.35
N THR A 43 -31.61 -28.31 2.63
CA THR A 43 -31.91 -27.00 3.17
C THR A 43 -30.67 -26.11 3.23
N THR A 44 -29.53 -26.69 3.60
CA THR A 44 -28.30 -25.91 3.63
C THR A 44 -27.93 -25.42 2.24
N GLN A 45 -28.15 -26.26 1.21
CA GLN A 45 -27.89 -25.83 -0.16
C GLN A 45 -28.86 -24.73 -0.58
N LYS A 46 -30.12 -24.83 -0.17
CA LYS A 46 -31.07 -23.76 -0.44
C LYS A 46 -30.62 -22.45 0.21
N PHE A 47 -30.19 -22.52 1.48
CA PHE A 47 -29.69 -21.33 2.16
C PHE A 47 -28.49 -20.75 1.41
N ARG A 48 -27.53 -21.61 1.03
CA ARG A 48 -26.35 -21.13 0.34
C ARG A 48 -26.72 -20.45 -0.98
N LYS A 49 -27.63 -21.05 -1.75
CA LYS A 49 -28.00 -20.47 -3.03
C LYS A 49 -28.71 -19.14 -2.85
N LEU A 50 -29.51 -19.00 -1.80
CA LEU A 50 -30.15 -17.72 -1.52
C LEU A 50 -29.12 -16.69 -1.08
N LEU A 51 -28.13 -17.11 -0.30
CA LEU A 51 -27.13 -16.16 0.20
C LEU A 51 -26.14 -15.75 -0.87
N SER A 52 -25.91 -16.62 -1.86
CA SER A 52 -25.05 -16.28 -2.98
C SER A 52 -25.74 -15.38 -4.00
N LYS A 53 -26.97 -14.95 -3.74
CA LYS A 53 -27.70 -14.09 -4.66
C LYS A 53 -27.22 -12.65 -4.53
N GLU A 54 -26.97 -12.01 -5.67
CA GLU A 54 -26.56 -10.61 -5.74
C GLU A 54 -27.65 -9.80 -6.43
N PRO A 55 -27.70 -8.48 -6.20
CA PRO A 55 -26.77 -7.68 -5.38
C PRO A 55 -27.18 -7.50 -3.92
N SER A 56 -28.37 -7.99 -3.55
CA SER A 56 -28.92 -7.83 -2.21
C SER A 56 -29.18 -9.22 -1.62
N PRO A 57 -28.15 -9.86 -1.06
CA PRO A 57 -28.37 -11.17 -0.44
C PRO A 57 -29.18 -11.03 0.83
N PRO A 58 -29.98 -12.07 1.19
CA PRO A 58 -30.80 -12.01 2.41
C PRO A 58 -30.02 -12.38 3.68
N ILE A 59 -28.89 -11.72 3.89
CA ILE A 59 -28.03 -12.07 5.02
C ILE A 59 -28.73 -11.77 6.34
N ASP A 60 -29.36 -10.61 6.46
CA ASP A 60 -29.97 -10.23 7.72
C ASP A 60 -31.09 -11.19 8.10
N GLU A 61 -31.91 -11.59 7.12
CA GLU A 61 -33.00 -12.51 7.43
C GLU A 61 -32.47 -13.85 7.93
N VAL A 62 -31.34 -14.31 7.37
CA VAL A 62 -30.81 -15.60 7.77
C VAL A 62 -30.19 -15.52 9.15
N ILE A 63 -29.33 -14.53 9.38
CA ILE A 63 -28.63 -14.45 10.67
C ILE A 63 -29.57 -14.03 11.79
N ASN A 64 -30.72 -13.43 11.46
CA ASN A 64 -31.70 -13.09 12.48
C ASN A 64 -32.59 -14.29 12.85
N THR A 65 -32.63 -15.31 12.01
CA THR A 65 -33.31 -16.55 12.36
C THR A 65 -32.50 -17.25 13.44
N PRO A 66 -33.03 -17.42 14.66
CA PRO A 66 -32.19 -17.92 15.75
C PRO A 66 -31.68 -19.33 15.49
N ARG A 67 -30.39 -19.53 15.80
CA ARG A 67 -29.67 -20.80 15.80
C ARG A 67 -29.31 -21.28 14.39
N VAL A 68 -29.63 -20.54 13.34
CA VAL A 68 -29.33 -21.00 11.99
C VAL A 68 -27.82 -20.94 11.74
N VAL A 69 -27.20 -19.80 12.05
CA VAL A 69 -25.75 -19.70 11.92
C VAL A 69 -25.06 -20.72 12.81
N ASP A 70 -25.56 -20.88 14.04
CA ASP A 70 -25.04 -21.93 14.90
C ASP A 70 -25.19 -23.31 14.26
N ARG A 71 -26.29 -23.52 13.53
CA ARG A 71 -26.51 -24.80 12.89
C ARG A 71 -25.50 -25.04 11.77
N PHE A 72 -25.22 -24.02 10.97
CA PHE A 72 -24.19 -24.15 9.94
C PHE A 72 -22.83 -24.46 10.58
N VAL A 73 -22.49 -23.76 11.66
CA VAL A 73 -21.23 -24.00 12.33
C VAL A 73 -21.19 -25.42 12.90
N GLU A 74 -22.35 -25.94 13.31
CA GLU A 74 -22.40 -27.32 13.77
C GLU A 74 -22.18 -28.28 12.62
N PHE A 75 -22.78 -28.00 11.45
CA PHE A 75 -22.56 -28.84 10.28
C PHE A 75 -21.10 -28.84 9.86
N LEU A 76 -20.38 -27.75 10.12
CA LEU A 76 -18.97 -27.69 9.78
C LEU A 76 -18.19 -28.85 10.41
N LYS A 77 -18.66 -29.36 11.54
CA LYS A 77 -17.98 -30.44 12.23
C LYS A 77 -18.35 -31.82 11.70
N ARG A 78 -19.16 -31.90 10.64
CA ARG A 78 -19.61 -33.19 10.10
C ARG A 78 -18.56 -33.66 9.10
N ASN A 79 -17.42 -34.15 9.63
CA ASN A 79 -16.33 -34.64 8.81
C ASN A 79 -16.72 -35.86 7.97
N GLU A 80 -17.87 -36.47 8.26
CA GLU A 80 -18.31 -37.63 7.47
C GLU A 80 -18.99 -37.18 6.18
N ASN A 81 -19.64 -36.02 6.18
CA ASN A 81 -20.37 -35.50 5.03
C ASN A 81 -19.54 -34.39 4.39
N CYS A 82 -18.89 -34.69 3.27
CA CYS A 82 -18.10 -33.66 2.59
C CYS A 82 -19.00 -32.60 2.00
N THR A 83 -20.16 -32.99 1.46
CA THR A 83 -21.03 -32.02 0.81
C THR A 83 -21.69 -31.09 1.83
N LEU A 84 -22.14 -31.65 2.96
CA LEU A 84 -22.75 -30.82 4.00
C LEU A 84 -21.72 -29.82 4.56
N GLN A 85 -20.51 -30.32 4.86
CA GLN A 85 -19.45 -29.42 5.30
C GLN A 85 -19.23 -28.30 4.30
N PHE A 86 -19.10 -28.65 3.02
CA PHE A 86 -18.81 -27.65 1.99
C PHE A 86 -19.95 -26.64 1.86
N GLU A 87 -21.19 -27.11 1.86
CA GLU A 87 -22.32 -26.20 1.71
C GLU A 87 -22.45 -25.26 2.90
N ALA A 88 -22.23 -25.78 4.11
CA ALA A 88 -22.30 -24.93 5.29
C ALA A 88 -21.17 -23.90 5.29
N ALA A 89 -19.95 -24.32 4.93
CA ALA A 89 -18.84 -23.38 4.84
C ALA A 89 -19.13 -22.30 3.81
N TRP A 90 -19.73 -22.68 2.68
CA TRP A 90 -20.04 -21.71 1.64
C TRP A 90 -21.11 -20.73 2.11
N ALA A 91 -22.13 -21.22 2.81
CA ALA A 91 -23.15 -20.33 3.34
C ALA A 91 -22.56 -19.33 4.33
N LEU A 92 -21.67 -19.82 5.21
CA LEU A 92 -21.02 -18.92 6.17
C LEU A 92 -20.10 -17.93 5.46
N THR A 93 -19.46 -18.35 4.37
CA THR A 93 -18.64 -17.42 3.59
C THR A 93 -19.51 -16.31 3.00
N ASN A 94 -20.65 -16.68 2.41
CA ASN A 94 -21.56 -15.68 1.88
C ASN A 94 -22.02 -14.72 2.97
N ILE A 95 -22.30 -15.25 4.17
CA ILE A 95 -22.68 -14.40 5.28
C ILE A 95 -21.54 -13.44 5.63
N ALA A 96 -20.31 -13.95 5.65
CA ALA A 96 -19.16 -13.14 6.01
C ALA A 96 -18.78 -12.12 4.93
N SER A 97 -19.38 -12.22 3.73
CA SER A 97 -19.10 -11.27 2.66
C SER A 97 -19.92 -9.98 2.79
N GLY A 98 -20.49 -9.72 3.96
CA GLY A 98 -21.33 -8.56 4.14
C GLY A 98 -20.71 -7.50 5.01
N THR A 99 -21.53 -6.83 5.82
CA THR A 99 -21.03 -5.80 6.73
C THR A 99 -20.32 -6.45 7.92
N SER A 100 -19.61 -5.62 8.67
CA SER A 100 -18.86 -6.14 9.82
C SER A 100 -19.79 -6.77 10.85
N GLN A 101 -20.97 -6.18 11.06
CA GLN A 101 -21.88 -6.73 12.05
C GLN A 101 -22.42 -8.09 11.63
N GLN A 102 -22.48 -8.37 10.33
CA GLN A 102 -22.92 -9.67 9.85
C GLN A 102 -21.80 -10.70 9.92
N THR A 103 -20.55 -10.27 9.77
CA THR A 103 -19.42 -11.17 9.96
C THR A 103 -19.21 -11.49 11.44
N LYS A 104 -19.59 -10.56 12.33
CA LYS A 104 -19.44 -10.79 13.74
C LYS A 104 -20.23 -12.02 14.19
N ILE A 105 -21.35 -12.30 13.54
CA ILE A 105 -22.14 -13.47 13.92
C ILE A 105 -21.37 -14.75 13.61
N VAL A 106 -20.72 -14.79 12.45
CA VAL A 106 -19.91 -15.96 12.11
C VAL A 106 -18.77 -16.11 13.11
N ILE A 107 -18.12 -15.01 13.47
CA ILE A 107 -17.00 -15.08 14.39
C ILE A 107 -17.48 -15.56 15.77
N GLU A 108 -18.59 -15.02 16.24
CA GLU A 108 -19.05 -15.31 17.60
C GLU A 108 -19.60 -16.73 17.73
N ALA A 109 -19.95 -17.39 16.62
CA ALA A 109 -20.42 -18.75 16.68
C ALA A 109 -19.29 -19.77 16.85
N GLY A 110 -18.03 -19.31 16.89
CA GLY A 110 -16.90 -20.20 17.05
C GLY A 110 -16.43 -20.83 15.77
N ALA A 111 -16.65 -20.18 14.61
CA ALA A 111 -16.35 -20.79 13.33
C ALA A 111 -14.90 -20.62 12.91
N VAL A 112 -14.22 -19.56 13.39
CA VAL A 112 -12.84 -19.32 12.97
C VAL A 112 -11.93 -20.49 13.36
N PRO A 113 -11.92 -20.97 14.61
CA PRO A 113 -11.08 -22.13 14.93
C PRO A 113 -11.43 -23.37 14.11
N ILE A 114 -12.71 -23.55 13.80
CA ILE A 114 -13.13 -24.71 13.01
C ILE A 114 -12.65 -24.56 11.57
N PHE A 115 -12.70 -23.34 11.03
CA PHE A 115 -12.23 -23.10 9.66
C PHE A 115 -10.73 -23.31 9.57
N ILE A 116 -9.99 -22.96 10.63
CA ILE A 116 -8.53 -23.10 10.63
C ILE A 116 -8.15 -24.57 10.75
N GLU A 117 -9.00 -25.39 11.38
CA GLU A 117 -8.75 -26.83 11.43
C GLU A 117 -9.26 -27.52 10.18
N LEU A 118 -10.26 -26.93 9.50
CA LEU A 118 -10.72 -27.45 8.22
C LEU A 118 -9.74 -27.12 7.10
N LEU A 119 -8.74 -26.28 7.36
CA LEU A 119 -7.67 -26.07 6.39
C LEU A 119 -6.89 -27.35 6.15
N ASN A 120 -6.90 -28.26 7.12
CA ASN A 120 -6.24 -29.56 7.00
C ASN A 120 -7.21 -30.67 6.63
N SER A 121 -8.37 -30.32 6.06
CA SER A 121 -9.36 -31.32 5.71
C SER A 121 -8.87 -32.18 4.55
N ASP A 122 -9.43 -33.40 4.47
CA ASP A 122 -9.09 -34.32 3.39
C ASP A 122 -9.79 -33.98 2.09
N PHE A 123 -10.86 -33.18 2.15
CA PHE A 123 -11.61 -32.79 0.97
C PHE A 123 -11.05 -31.46 0.49
N GLU A 124 -10.49 -31.43 -0.73
CA GLU A 124 -9.92 -30.19 -1.27
C GLU A 124 -10.97 -29.10 -1.35
N ASP A 125 -12.21 -29.46 -1.70
CA ASP A 125 -13.28 -28.47 -1.75
C ASP A 125 -13.45 -27.79 -0.40
N VAL A 126 -13.45 -28.57 0.68
CA VAL A 126 -13.62 -28.00 2.01
C VAL A 126 -12.43 -27.11 2.35
N GLN A 127 -11.22 -27.53 2.00
CA GLN A 127 -10.04 -26.71 2.26
C GLN A 127 -10.15 -25.36 1.57
N GLU A 128 -10.48 -25.36 0.28
CA GLU A 128 -10.57 -24.10 -0.47
C GLU A 128 -11.68 -23.22 0.09
N GLN A 129 -12.81 -23.82 0.46
CA GLN A 129 -13.91 -23.03 0.99
C GLN A 129 -13.55 -22.42 2.33
N ALA A 130 -12.84 -23.17 3.18
CA ALA A 130 -12.40 -22.63 4.46
C ALA A 130 -11.40 -21.50 4.26
N VAL A 131 -10.50 -21.64 3.29
CA VAL A 131 -9.56 -20.57 2.98
C VAL A 131 -10.31 -19.31 2.55
N TRP A 132 -11.31 -19.49 1.69
CA TRP A 132 -12.10 -18.34 1.24
C TRP A 132 -12.84 -17.69 2.40
N ALA A 133 -13.40 -18.50 3.29
CA ALA A 133 -14.13 -17.95 4.44
C ALA A 133 -13.20 -17.17 5.35
N LEU A 134 -12.05 -17.75 5.69
CA LEU A 134 -11.09 -17.06 6.55
C LEU A 134 -10.56 -15.79 5.89
N GLY A 135 -10.42 -15.80 4.56
CA GLY A 135 -10.04 -14.57 3.88
C GLY A 135 -11.10 -13.49 4.00
N ASN A 136 -12.35 -13.86 3.74
CA ASN A 136 -13.45 -12.90 3.90
C ASN A 136 -13.47 -12.33 5.30
N ILE A 137 -13.28 -13.18 6.32
CA ILE A 137 -13.33 -12.71 7.70
C ILE A 137 -12.15 -11.81 7.99
N ALA A 138 -10.95 -12.18 7.54
CA ALA A 138 -9.77 -11.38 7.83
C ALA A 138 -9.79 -10.04 7.11
N GLY A 139 -10.46 -9.97 5.97
CA GLY A 139 -10.51 -8.76 5.19
C GLY A 139 -11.65 -7.83 5.52
N ASP A 140 -12.44 -8.13 6.55
CA ASP A 140 -13.56 -7.28 6.90
C ASP A 140 -13.12 -6.04 7.67
N SER A 141 -12.18 -6.21 8.60
CA SER A 141 -11.68 -5.10 9.39
C SER A 141 -10.44 -5.56 10.14
N SER A 142 -9.68 -4.58 10.65
CA SER A 142 -8.49 -4.91 11.42
C SER A 142 -8.84 -5.69 12.68
N VAL A 143 -10.05 -5.47 13.22
CA VAL A 143 -10.48 -6.23 14.39
C VAL A 143 -10.60 -7.71 14.04
N CYS A 144 -11.32 -8.01 12.96
CA CYS A 144 -11.46 -9.40 12.53
C CYS A 144 -10.12 -9.98 12.12
N ARG A 145 -9.26 -9.15 11.50
CA ARG A 145 -7.92 -9.61 11.16
C ARG A 145 -7.17 -10.09 12.39
N ASP A 146 -7.12 -9.26 13.43
CA ASP A 146 -6.38 -9.64 14.64
C ASP A 146 -7.06 -10.79 15.36
N TYR A 147 -8.38 -10.91 15.27
CA TYR A 147 -9.07 -12.06 15.84
C TYR A 147 -8.61 -13.34 15.15
N VAL A 148 -8.58 -13.33 13.81
CA VAL A 148 -8.17 -14.53 13.07
C VAL A 148 -6.70 -14.85 13.33
N LEU A 149 -5.85 -13.83 13.41
CA LEU A 149 -4.43 -14.07 13.66
C LEU A 149 -4.22 -14.67 15.04
N ASN A 150 -4.94 -14.17 16.04
CA ASN A 150 -4.79 -14.68 17.40
C ASN A 150 -5.37 -16.08 17.57
N CYS A 151 -5.97 -16.66 16.53
CA CYS A 151 -6.40 -18.04 16.54
C CYS A 151 -5.37 -18.95 15.88
N SER A 152 -4.17 -18.45 15.63
CA SER A 152 -3.05 -19.23 15.08
C SER A 152 -3.38 -19.79 13.70
N ILE A 153 -3.56 -18.88 12.75
CA ILE A 153 -3.93 -19.27 11.39
C ILE A 153 -2.69 -19.29 10.50
N LEU A 154 -1.69 -18.49 10.80
CA LEU A 154 -0.59 -18.33 9.86
C LEU A 154 0.10 -19.65 9.57
N ASN A 155 0.43 -20.40 10.60
CA ASN A 155 1.16 -21.66 10.37
C ASN A 155 0.32 -22.64 9.58
N PRO A 156 -0.93 -22.95 9.94
CA PRO A 156 -1.74 -23.82 9.08
C PRO A 156 -1.91 -23.28 7.67
N LEU A 157 -2.12 -21.97 7.54
CA LEU A 157 -2.29 -21.38 6.22
C LEU A 157 -1.02 -21.50 5.38
N LEU A 158 0.14 -21.25 5.98
CA LEU A 158 1.38 -21.37 5.23
C LEU A 158 1.67 -22.83 4.87
N THR A 159 1.29 -23.77 5.74
CA THR A 159 1.47 -25.18 5.42
C THR A 159 0.57 -25.60 4.27
N LEU A 160 -0.67 -25.09 4.24
CA LEU A 160 -1.57 -25.42 3.14
C LEU A 160 -1.09 -24.76 1.84
N LEU A 161 -0.52 -23.57 1.94
CA LEU A 161 -0.10 -22.85 0.74
C LEU A 161 1.13 -23.51 0.11
N THR A 162 1.94 -24.20 0.90
CA THR A 162 3.10 -24.89 0.38
C THR A 162 2.77 -26.28 -0.14
N LYS A 163 1.63 -26.84 0.21
CA LYS A 163 1.23 -28.18 -0.20
C LYS A 163 -0.04 -28.15 -1.04
N SER A 164 -0.21 -27.10 -1.86
CA SER A 164 -1.43 -26.92 -2.64
C SER A 164 -1.24 -27.48 -4.04
N THR A 165 -2.30 -28.12 -4.55
CA THR A 165 -2.31 -28.66 -5.91
C THR A 165 -3.42 -28.06 -6.76
N ARG A 166 -3.92 -26.88 -6.38
CA ARG A 166 -4.94 -26.17 -7.13
C ARG A 166 -4.53 -24.71 -7.24
N LEU A 167 -4.54 -24.18 -8.47
CA LEU A 167 -4.19 -22.77 -8.65
C LEU A 167 -5.20 -21.87 -7.95
N THR A 168 -6.49 -22.22 -8.01
CA THR A 168 -7.50 -21.40 -7.34
C THR A 168 -7.30 -21.43 -5.83
N MET A 169 -6.91 -22.59 -5.28
CA MET A 169 -6.68 -22.66 -3.84
C MET A 169 -5.49 -21.80 -3.44
N THR A 170 -4.41 -21.83 -4.22
CA THR A 170 -3.26 -20.99 -3.92
C THR A 170 -3.62 -19.52 -4.02
N ARG A 171 -4.43 -19.16 -5.03
CA ARG A 171 -4.88 -17.78 -5.16
C ARG A 171 -5.65 -17.34 -3.92
N ASN A 172 -6.62 -18.15 -3.49
CA ASN A 172 -7.40 -17.81 -2.30
C ASN A 172 -6.50 -17.71 -1.07
N ALA A 173 -5.53 -18.62 -0.94
CA ALA A 173 -4.68 -18.62 0.24
C ALA A 173 -3.77 -17.39 0.28
N VAL A 174 -3.22 -17.00 -0.88
CA VAL A 174 -2.39 -15.81 -0.93
C VAL A 174 -3.22 -14.56 -0.68
N TRP A 175 -4.46 -14.55 -1.17
CA TRP A 175 -5.35 -13.43 -0.92
C TRP A 175 -5.67 -13.31 0.56
N ALA A 176 -5.94 -14.43 1.22
CA ALA A 176 -6.19 -14.40 2.66
C ALA A 176 -4.94 -13.97 3.42
N LEU A 177 -3.78 -14.43 2.98
CA LEU A 177 -2.53 -14.01 3.61
C LEU A 177 -2.34 -12.50 3.50
N SER A 178 -2.59 -11.95 2.31
CA SER A 178 -2.47 -10.51 2.13
C SER A 178 -3.42 -9.78 3.07
N ASN A 179 -4.67 -10.25 3.15
CA ASN A 179 -5.63 -9.65 4.09
C ASN A 179 -5.08 -9.69 5.51
N LEU A 180 -4.39 -10.77 5.87
CA LEU A 180 -3.80 -10.86 7.21
C LEU A 180 -2.69 -9.84 7.39
N CYS A 181 -2.03 -9.44 6.31
CA CYS A 181 -0.95 -8.47 6.40
C CYS A 181 -1.41 -7.04 6.24
N ARG A 182 -2.57 -6.81 5.63
CA ARG A 182 -3.04 -5.45 5.39
C ARG A 182 -3.39 -4.76 6.70
N GLY A 183 -3.52 -3.43 6.62
CA GLY A 183 -4.00 -2.66 7.74
C GLY A 183 -2.92 -1.89 8.47
N LYS A 184 -3.21 -0.64 8.80
CA LYS A 184 -2.28 0.20 9.55
C LYS A 184 -2.91 0.91 10.73
N ASN A 185 -4.23 0.78 10.94
CA ASN A 185 -4.93 1.52 11.98
C ASN A 185 -5.97 0.62 12.66
N PRO A 186 -5.51 -0.32 13.50
CA PRO A 186 -4.11 -0.60 13.86
C PRO A 186 -3.41 -1.55 12.88
N PRO A 187 -2.08 -1.59 12.92
CA PRO A 187 -1.35 -2.55 12.09
C PRO A 187 -1.30 -3.90 12.77
N PRO A 188 -1.05 -4.98 12.03
CA PRO A 188 -0.86 -6.28 12.67
C PRO A 188 0.48 -6.34 13.40
N GLU A 189 0.50 -7.11 14.48
CA GLU A 189 1.76 -7.37 15.18
C GLU A 189 2.74 -8.03 14.22
N PHE A 190 3.89 -7.39 13.98
CA PHE A 190 4.79 -7.87 12.93
C PHE A 190 5.23 -9.30 13.20
N ALA A 191 5.50 -9.63 14.46
CA ALA A 191 5.97 -10.97 14.78
C ALA A 191 4.92 -12.03 14.46
N LYS A 192 3.65 -11.67 14.30
CA LYS A 192 2.60 -12.60 13.97
C LYS A 192 2.35 -12.69 12.47
N VAL A 193 2.88 -11.76 11.69
CA VAL A 193 2.72 -11.79 10.25
C VAL A 193 4.02 -11.89 9.49
N SER A 194 5.18 -11.82 10.15
CA SER A 194 6.47 -11.86 9.47
C SER A 194 6.96 -13.25 9.13
N PRO A 195 6.44 -14.30 9.76
CA PRO A 195 6.82 -15.66 9.31
C PRO A 195 6.34 -15.95 7.89
N CYS A 196 5.53 -15.08 7.28
CA CYS A 196 5.02 -15.29 5.94
C CYS A 196 5.90 -14.67 4.87
N LEU A 197 6.93 -13.92 5.24
CA LEU A 197 7.75 -13.19 4.29
C LEU A 197 8.60 -14.14 3.46
N PRO A 198 9.02 -15.28 4.00
CA PRO A 198 9.69 -16.25 3.11
C PRO A 198 8.76 -16.78 2.01
N VAL A 199 7.50 -17.05 2.31
CA VAL A 199 6.58 -17.60 1.32
C VAL A 199 6.25 -16.57 0.26
N LEU A 200 6.17 -15.29 0.64
CA LEU A 200 5.84 -14.26 -0.33
C LEU A 200 7.01 -14.02 -1.28
N SER A 201 8.24 -14.09 -0.77
CA SER A 201 9.41 -13.94 -1.64
C SER A 201 9.41 -14.99 -2.73
N ARG A 202 9.09 -16.24 -2.39
CA ARG A 202 9.01 -17.28 -3.41
C ARG A 202 7.85 -17.05 -4.35
N LEU A 203 6.72 -16.54 -3.83
CA LEU A 203 5.56 -16.32 -4.67
C LEU A 203 5.82 -15.26 -5.73
N LEU A 204 6.66 -14.27 -5.43
CA LEU A 204 6.95 -13.22 -6.39
C LEU A 204 7.52 -13.76 -7.70
N PHE A 205 7.94 -15.02 -7.73
CA PHE A 205 8.52 -15.62 -8.93
C PHE A 205 7.49 -16.34 -9.79
N SER A 206 6.23 -16.38 -9.37
CA SER A 206 5.20 -17.04 -10.16
C SER A 206 4.86 -16.19 -11.39
N SER A 207 3.88 -16.66 -12.15
CA SER A 207 3.40 -15.93 -13.33
C SER A 207 1.96 -15.48 -13.23
N ASP A 208 1.15 -16.09 -12.36
CA ASP A 208 -0.24 -15.67 -12.22
C ASP A 208 -0.31 -14.24 -11.70
N SER A 209 -1.05 -13.39 -12.43
CA SER A 209 -1.09 -11.97 -12.09
C SER A 209 -1.82 -11.73 -10.77
N ASP A 210 -2.87 -12.53 -10.49
CA ASP A 210 -3.57 -12.38 -9.22
C ASP A 210 -2.65 -12.70 -8.05
N LEU A 211 -1.88 -13.78 -8.16
CA LEU A 211 -0.95 -14.15 -7.09
C LEU A 211 0.09 -13.06 -6.86
N LEU A 212 0.72 -12.59 -7.95
CA LEU A 212 1.72 -11.54 -7.81
C LEU A 212 1.12 -10.27 -7.22
N ALA A 213 -0.10 -9.93 -7.62
CA ALA A 213 -0.72 -8.70 -7.13
C ALA A 213 -0.99 -8.78 -5.63
N ASP A 214 -1.56 -9.90 -5.17
CA ASP A 214 -1.84 -10.05 -3.75
C ASP A 214 -0.55 -10.10 -2.94
N ALA A 215 0.47 -10.78 -3.46
CA ALA A 215 1.75 -10.82 -2.76
C ALA A 215 2.36 -9.43 -2.68
N CYS A 216 2.29 -8.66 -3.76
CA CYS A 216 2.86 -7.31 -3.74
C CYS A 216 2.11 -6.41 -2.78
N TRP A 217 0.79 -6.58 -2.68
CA TRP A 217 0.04 -5.81 -1.69
C TRP A 217 0.46 -6.18 -0.27
N ALA A 218 0.62 -7.48 -0.01
CA ALA A 218 1.10 -7.90 1.30
C ALA A 218 2.47 -7.29 1.61
N LEU A 219 3.37 -7.28 0.62
CA LEU A 219 4.69 -6.73 0.83
C LEU A 219 4.65 -5.22 1.01
N SER A 220 3.77 -4.53 0.28
CA SER A 220 3.65 -3.09 0.43
C SER A 220 3.20 -2.72 1.84
N TYR A 221 2.35 -3.54 2.44
CA TYR A 221 1.90 -3.25 3.80
C TYR A 221 2.89 -3.71 4.85
N LEU A 222 3.60 -4.81 4.61
CA LEU A 222 4.62 -5.24 5.56
C LEU A 222 5.85 -4.33 5.54
N SER A 223 6.06 -3.58 4.46
CA SER A 223 7.20 -2.67 4.35
C SER A 223 6.84 -1.24 4.75
N ASP A 224 5.57 -0.99 5.08
CA ASP A 224 5.12 0.34 5.51
C ASP A 224 5.22 0.39 7.03
N GLY A 225 6.28 0.99 7.55
CA GLY A 225 6.47 1.10 8.97
C GLY A 225 7.91 1.39 9.36
N PRO A 226 8.27 1.12 10.61
CA PRO A 226 9.65 1.35 11.05
C PRO A 226 10.65 0.58 10.20
N ASN A 227 11.90 1.03 10.27
CA ASN A 227 12.95 0.46 9.42
C ASN A 227 13.27 -0.99 9.78
N GLU A 228 12.84 -1.46 10.96
CA GLU A 228 13.04 -2.86 11.30
C GLU A 228 12.16 -3.76 10.44
N LYS A 229 10.92 -3.35 10.20
CA LYS A 229 10.06 -4.10 9.28
C LYS A 229 10.64 -4.08 7.88
N ILE A 230 11.19 -2.93 7.46
CA ILE A 230 11.80 -2.85 6.13
C ILE A 230 13.00 -3.78 6.04
N GLN A 231 13.79 -3.87 7.12
CA GLN A 231 14.93 -4.77 7.12
C GLN A 231 14.47 -6.22 7.04
N ALA A 232 13.40 -6.56 7.74
CA ALA A 232 12.84 -7.91 7.63
C ALA A 232 12.43 -8.21 6.19
N VAL A 233 11.80 -7.24 5.52
CA VAL A 233 11.38 -7.46 4.15
C VAL A 233 12.58 -7.60 3.22
N ILE A 234 13.61 -6.78 3.44
CA ILE A 234 14.79 -6.85 2.59
C ILE A 234 15.51 -8.19 2.76
N ASP A 235 15.61 -8.66 4.01
CA ASP A 235 16.34 -9.90 4.27
C ASP A 235 15.70 -11.08 3.55
N SER A 236 14.41 -11.01 3.27
CA SER A 236 13.74 -12.10 2.55
C SER A 236 14.15 -12.16 1.08
N GLY A 237 14.82 -11.15 0.56
CA GLY A 237 15.35 -11.18 -0.79
C GLY A 237 14.30 -10.94 -1.85
N VAL A 238 13.51 -9.87 -1.69
CA VAL A 238 12.42 -9.58 -2.61
C VAL A 238 12.70 -8.36 -3.48
N CYS A 239 13.79 -7.65 -3.26
CA CYS A 239 13.98 -6.35 -3.91
C CYS A 239 14.11 -6.49 -5.42
N ARG A 240 14.99 -7.37 -5.89
CA ARG A 240 15.18 -7.51 -7.33
C ARG A 240 13.87 -7.85 -8.02
N ARG A 241 13.11 -8.78 -7.45
CA ARG A 241 11.85 -9.20 -8.09
C ARG A 241 10.83 -8.07 -8.12
N LEU A 242 10.75 -7.30 -7.03
CA LEU A 242 9.83 -6.17 -7.01
C LEU A 242 10.23 -5.12 -8.04
N VAL A 243 11.51 -4.82 -8.15
CA VAL A 243 11.97 -3.84 -9.14
C VAL A 243 11.66 -4.33 -10.54
N GLU A 244 11.78 -5.64 -10.78
CA GLU A 244 11.40 -6.19 -12.07
C GLU A 244 9.90 -6.05 -12.30
N LEU A 245 9.09 -6.38 -11.29
CA LEU A 245 7.64 -6.27 -11.43
C LEU A 245 7.19 -4.82 -11.64
N LEU A 246 8.03 -3.85 -11.29
CA LEU A 246 7.70 -2.45 -11.59
C LEU A 246 7.30 -2.29 -13.05
N MET A 247 7.92 -3.05 -13.95
CA MET A 247 7.67 -2.95 -15.38
C MET A 247 6.65 -3.97 -15.87
N HIS A 248 5.74 -4.41 -15.00
CA HIS A 248 4.73 -5.38 -15.38
C HIS A 248 3.64 -4.71 -16.21
N ASN A 249 3.17 -5.44 -17.22
CA ASN A 249 2.14 -4.87 -18.10
C ASN A 249 0.82 -4.67 -17.37
N ASP A 250 0.49 -5.54 -16.42
CA ASP A 250 -0.77 -5.46 -15.70
C ASP A 250 -0.64 -4.43 -14.58
N TYR A 251 -1.47 -3.39 -14.65
CA TYR A 251 -1.42 -2.33 -13.65
C TYR A 251 -1.68 -2.86 -12.25
N LYS A 252 -2.53 -3.88 -12.12
CA LYS A 252 -2.85 -4.40 -10.79
C LYS A 252 -1.64 -5.03 -10.11
N VAL A 253 -0.59 -5.34 -10.88
CA VAL A 253 0.64 -5.88 -10.32
C VAL A 253 1.69 -4.78 -10.15
N ALA A 254 1.80 -3.87 -11.12
CA ALA A 254 2.84 -2.86 -11.06
C ALA A 254 2.55 -1.82 -9.99
N SER A 255 1.28 -1.47 -9.80
CA SER A 255 0.93 -0.47 -8.80
C SER A 255 1.34 -0.89 -7.39
N PRO A 256 0.92 -2.06 -6.89
CA PRO A 256 1.36 -2.46 -5.54
C PRO A 256 2.86 -2.69 -5.44
N ALA A 257 3.50 -3.16 -6.51
CA ALA A 257 4.95 -3.31 -6.50
C ALA A 257 5.64 -1.96 -6.34
N LEU A 258 5.14 -0.94 -7.03
CA LEU A 258 5.70 0.40 -6.89
C LEU A 258 5.47 0.94 -5.48
N ARG A 259 4.28 0.68 -4.91
CA ARG A 259 4.03 1.06 -3.53
C ARG A 259 5.05 0.42 -2.60
N ALA A 260 5.32 -0.88 -2.79
CA ALA A 260 6.26 -1.58 -1.92
C ALA A 260 7.67 -1.01 -2.06
N VAL A 261 8.12 -0.79 -3.30
CA VAL A 261 9.45 -0.21 -3.51
C VAL A 261 9.53 1.17 -2.87
N GLY A 262 8.50 1.99 -3.06
CA GLY A 262 8.49 3.31 -2.46
C GLY A 262 8.56 3.26 -0.95
N ASN A 263 7.86 2.30 -0.34
CA ASN A 263 7.93 2.14 1.10
C ASN A 263 9.32 1.70 1.53
N ILE A 264 9.94 0.80 0.76
CA ILE A 264 11.27 0.30 1.14
C ILE A 264 12.29 1.42 1.12
N VAL A 265 12.16 2.35 0.17
CA VAL A 265 13.16 3.41 0.02
C VAL A 265 12.92 4.51 1.04
N THR A 266 12.01 4.29 1.98
CA THR A 266 11.86 5.19 3.11
C THR A 266 12.78 4.83 4.27
N GLY A 267 13.46 3.70 4.20
CA GLY A 267 14.38 3.30 5.25
C GLY A 267 15.66 4.12 5.20
N ASP A 268 16.65 3.66 5.97
CA ASP A 268 17.94 4.33 6.02
C ASP A 268 18.63 4.22 4.66
N ASP A 269 19.87 4.74 4.61
CA ASP A 269 20.56 4.84 3.33
C ASP A 269 21.01 3.48 2.82
N ILE A 270 21.28 2.53 3.72
CA ILE A 270 21.67 1.20 3.28
C ILE A 270 20.49 0.48 2.64
N GLN A 271 19.33 0.52 3.31
CA GLN A 271 18.15 -0.14 2.78
C GLN A 271 17.71 0.48 1.46
N THR A 272 17.83 1.80 1.34
CA THR A 272 17.54 2.45 0.06
C THR A 272 18.57 2.06 -0.99
N GLN A 273 19.84 1.92 -0.59
CA GLN A 273 20.88 1.55 -1.53
C GLN A 273 20.63 0.17 -2.11
N VAL A 274 20.01 -0.73 -1.34
CA VAL A 274 19.68 -2.05 -1.86
C VAL A 274 18.80 -1.92 -3.10
N ILE A 275 17.70 -1.15 -2.97
CA ILE A 275 16.80 -0.96 -4.11
C ILE A 275 17.53 -0.27 -5.25
N LEU A 276 18.33 0.75 -4.94
CA LEU A 276 19.07 1.43 -5.99
C LEU A 276 19.99 0.47 -6.74
N ASN A 277 20.60 -0.47 -6.02
CA ASN A 277 21.47 -1.45 -6.66
C ASN A 277 20.68 -2.50 -7.44
N CYS A 278 19.38 -2.62 -7.18
CA CYS A 278 18.52 -3.44 -8.03
C CYS A 278 18.13 -2.74 -9.32
N SER A 279 18.81 -1.65 -9.67
CA SER A 279 18.59 -0.94 -10.93
C SER A 279 17.16 -0.42 -11.01
N ALA A 280 16.74 0.30 -9.97
CA ALA A 280 15.37 0.79 -9.89
C ALA A 280 15.19 2.18 -10.49
N LEU A 281 16.25 2.97 -10.58
CA LEU A 281 16.11 4.34 -11.05
C LEU A 281 15.74 4.40 -12.53
N PRO A 282 16.33 3.54 -13.38
CA PRO A 282 15.89 3.53 -14.79
C PRO A 282 14.42 3.14 -14.94
N CYS A 283 13.96 2.17 -14.16
CA CYS A 283 12.55 1.79 -14.20
C CYS A 283 11.67 2.94 -13.72
N LEU A 284 12.09 3.63 -12.66
CA LEU A 284 11.32 4.78 -12.18
C LEU A 284 11.31 5.89 -13.22
N LEU A 285 12.42 6.09 -13.93
CA LEU A 285 12.42 7.08 -15.01
C LEU A 285 11.39 6.74 -16.06
N HIS A 286 11.36 5.47 -16.49
CA HIS A 286 10.35 5.07 -17.47
C HIS A 286 8.95 5.27 -16.92
N LEU A 287 8.74 4.97 -15.64
CA LEU A 287 7.42 5.12 -15.05
C LEU A 287 7.01 6.59 -14.95
N LEU A 288 7.98 7.50 -14.85
CA LEU A 288 7.65 8.92 -14.86
C LEU A 288 6.94 9.32 -16.14
N SER A 289 7.08 8.54 -17.22
CA SER A 289 6.39 8.79 -18.48
C SER A 289 5.19 7.87 -18.68
N SER A 290 4.59 7.41 -17.58
CA SER A 290 3.48 6.49 -17.67
C SER A 290 2.23 7.22 -18.16
N PRO A 291 1.33 6.51 -18.87
CA PRO A 291 0.06 7.12 -19.27
C PRO A 291 -0.96 7.25 -18.15
N LYS A 292 -0.61 6.89 -16.92
CA LYS A 292 -1.52 6.94 -15.79
C LYS A 292 -0.93 7.84 -14.71
N GLU A 293 -1.70 8.85 -14.30
CA GLU A 293 -1.18 9.83 -13.36
C GLU A 293 -0.88 9.22 -12.00
N SER A 294 -1.56 8.13 -11.63
CA SER A 294 -1.29 7.48 -10.36
C SER A 294 0.12 6.90 -10.33
N ILE A 295 0.52 6.23 -11.41
CA ILE A 295 1.87 5.66 -11.48
C ILE A 295 2.91 6.78 -11.45
N ARG A 296 2.66 7.87 -12.19
CA ARG A 296 3.61 8.98 -12.20
C ARG A 296 3.75 9.59 -10.81
N LYS A 297 2.63 9.76 -10.10
CA LYS A 297 2.67 10.30 -8.75
C LYS A 297 3.46 9.39 -7.82
N GLU A 298 3.20 8.08 -7.90
CA GLU A 298 3.88 7.15 -7.01
C GLU A 298 5.37 7.07 -7.33
N ALA A 299 5.74 7.17 -8.61
CA ALA A 299 7.16 7.16 -8.97
C ALA A 299 7.85 8.43 -8.49
N CYS A 300 7.18 9.58 -8.62
CA CYS A 300 7.74 10.82 -8.09
C CYS A 300 7.93 10.75 -6.58
N TRP A 301 6.97 10.14 -5.89
CA TRP A 301 7.08 9.97 -4.44
C TRP A 301 8.23 9.05 -4.08
N THR A 302 8.40 7.95 -4.83
CA THR A 302 9.53 7.07 -4.60
C THR A 302 10.86 7.80 -4.79
N ILE A 303 10.95 8.58 -5.87
CA ILE A 303 12.19 9.31 -6.13
C ILE A 303 12.42 10.39 -5.07
N SER A 304 11.33 10.97 -4.54
CA SER A 304 11.50 11.95 -3.47
C SER A 304 12.04 11.29 -2.21
N ASN A 305 11.56 10.08 -1.90
CA ASN A 305 12.14 9.34 -0.79
C ASN A 305 13.61 9.06 -1.02
N ILE A 306 13.98 8.80 -2.28
CA ILE A 306 15.39 8.51 -2.59
C ILE A 306 16.23 9.77 -2.38
N THR A 307 15.79 10.91 -2.93
CA THR A 307 16.57 12.13 -2.83
C THR A 307 16.65 12.65 -1.40
N ALA A 308 15.79 12.17 -0.50
CA ALA A 308 15.90 12.51 0.91
C ALA A 308 17.06 11.79 1.59
N GLY A 309 17.79 10.96 0.88
CA GLY A 309 18.91 10.22 1.42
C GLY A 309 20.19 11.01 1.39
N ASN A 310 21.31 10.30 1.32
CA ASN A 310 22.62 10.93 1.34
C ASN A 310 22.96 11.53 -0.03
N ARG A 311 24.13 12.14 -0.12
CA ARG A 311 24.54 12.81 -1.34
C ARG A 311 24.91 11.82 -2.45
N ALA A 312 25.25 10.58 -2.10
CA ALA A 312 25.53 9.58 -3.12
C ALA A 312 24.27 9.19 -3.86
N GLN A 313 23.16 9.00 -3.13
CA GLN A 313 21.90 8.64 -3.77
C GLN A 313 21.33 9.79 -4.57
N ILE A 314 21.53 11.03 -4.11
CA ILE A 314 21.17 12.19 -4.92
C ILE A 314 22.00 12.23 -6.19
N GLN A 315 23.30 11.93 -6.09
CA GLN A 315 24.13 11.87 -7.28
C GLN A 315 23.65 10.79 -8.23
N ALA A 316 23.18 9.67 -7.69
CA ALA A 316 22.66 8.60 -8.54
C ALA A 316 21.42 9.08 -9.30
N VAL A 317 20.51 9.75 -8.61
CA VAL A 317 19.33 10.30 -9.28
C VAL A 317 19.74 11.31 -10.35
N ILE A 318 20.76 12.11 -10.05
CA ILE A 318 21.27 13.06 -11.04
C ILE A 318 21.77 12.33 -12.27
N ASP A 319 22.70 11.39 -12.08
CA ASP A 319 23.28 10.65 -13.19
C ASP A 319 22.26 9.79 -13.93
N ALA A 320 21.06 9.62 -13.39
CA ALA A 320 20.01 8.88 -14.06
C ALA A 320 19.18 9.75 -15.00
N ASN A 321 19.47 11.05 -15.08
CA ASN A 321 18.73 11.97 -15.95
C ASN A 321 17.25 12.03 -15.56
N ILE A 322 16.99 12.11 -14.26
CA ILE A 322 15.62 12.07 -13.76
C ILE A 322 15.10 13.47 -13.49
N PHE A 323 15.99 14.38 -13.12
CA PHE A 323 15.56 15.70 -12.67
C PHE A 323 14.98 16.54 -13.79
N PRO A 324 15.49 16.46 -15.03
CA PRO A 324 14.80 17.14 -16.13
C PRO A 324 13.34 16.72 -16.25
N VAL A 325 13.08 15.41 -16.18
CA VAL A 325 11.71 14.92 -16.24
C VAL A 325 10.91 15.42 -15.04
N LEU A 326 11.55 15.48 -13.88
CA LEU A 326 10.86 15.98 -12.69
C LEU A 326 10.46 17.43 -12.85
N ILE A 327 11.32 18.24 -13.49
CA ILE A 327 10.99 19.64 -13.71
C ILE A 327 9.84 19.77 -14.71
N GLU A 328 9.88 18.99 -15.79
CA GLU A 328 8.75 18.95 -16.71
C GLU A 328 7.46 18.65 -15.96
N ILE A 329 7.47 17.60 -15.15
CA ILE A 329 6.30 17.25 -14.34
C ILE A 329 5.92 18.42 -13.45
N LEU A 330 6.91 19.07 -12.84
CA LEU A 330 6.64 20.16 -11.90
C LEU A 330 5.86 21.29 -12.57
N GLN A 331 6.05 21.49 -13.87
CA GLN A 331 5.43 22.61 -14.57
C GLN A 331 4.32 22.19 -15.52
N LYS A 332 3.96 20.91 -15.58
CA LYS A 332 2.92 20.48 -16.51
C LYS A 332 1.93 19.46 -15.96
N ALA A 333 2.26 18.70 -14.91
CA ALA A 333 1.41 17.60 -14.50
C ALA A 333 0.25 18.10 -13.64
N GLU A 334 -0.48 17.17 -13.03
CA GLU A 334 -1.52 17.51 -12.07
C GLU A 334 -0.88 17.89 -10.73
N PHE A 335 -1.64 18.65 -9.93
CA PHE A 335 -1.08 19.18 -8.69
C PHE A 335 -0.65 18.06 -7.75
N ARG A 336 -1.37 16.95 -7.73
CA ARG A 336 -0.99 15.85 -6.86
C ARG A 336 0.38 15.30 -7.23
N THR A 337 0.67 15.21 -8.52
CA THR A 337 1.98 14.74 -8.96
C THR A 337 3.05 15.81 -8.81
N ARG A 338 2.69 17.07 -9.02
CA ARG A 338 3.65 18.16 -8.87
C ARG A 338 4.07 18.33 -7.43
N LYS A 339 3.19 18.00 -6.47
CA LYS A 339 3.58 18.03 -5.07
C LYS A 339 4.73 17.07 -4.80
N GLU A 340 4.65 15.85 -5.36
CA GLU A 340 5.72 14.87 -5.15
C GLU A 340 6.99 15.26 -5.89
N ALA A 341 6.86 15.77 -7.11
CA ALA A 341 8.03 16.27 -7.83
C ALA A 341 8.70 17.39 -7.06
N ALA A 342 7.92 18.29 -6.47
CA ALA A 342 8.49 19.38 -5.68
C ALA A 342 9.18 18.82 -4.44
N TRP A 343 8.58 17.81 -3.80
CA TRP A 343 9.24 17.17 -2.67
C TRP A 343 10.59 16.60 -3.08
N ALA A 344 10.66 15.96 -4.25
CA ALA A 344 11.92 15.40 -4.71
C ALA A 344 12.96 16.49 -4.90
N ILE A 345 12.58 17.59 -5.57
CA ILE A 345 13.53 18.67 -5.81
C ILE A 345 13.99 19.28 -4.48
N THR A 346 13.04 19.48 -3.55
CA THR A 346 13.38 20.14 -2.29
C THR A 346 14.26 19.26 -1.42
N ASN A 347 13.97 17.95 -1.38
CA ASN A 347 14.86 17.04 -0.66
C ASN A 347 16.25 17.06 -1.26
N ALA A 348 16.35 17.08 -2.59
CA ALA A 348 17.65 17.15 -3.23
C ALA A 348 18.40 18.41 -2.81
N THR A 349 17.72 19.55 -2.78
CA THR A 349 18.37 20.80 -2.37
C THR A 349 18.70 20.82 -0.90
N SER A 350 18.00 20.01 -0.08
CA SER A 350 18.22 20.05 1.35
C SER A 350 19.50 19.31 1.74
N GLY A 351 19.74 18.14 1.16
CA GLY A 351 20.89 17.33 1.54
C GLY A 351 21.92 17.18 0.44
N GLY A 352 21.86 18.05 -0.56
CA GLY A 352 22.80 17.99 -1.66
C GLY A 352 24.01 18.88 -1.46
N THR A 353 25.01 18.67 -2.31
CA THR A 353 26.21 19.49 -2.28
C THR A 353 25.98 20.78 -3.06
N PRO A 354 26.84 21.78 -2.87
CA PRO A 354 26.71 23.01 -3.68
C PRO A 354 26.73 22.74 -5.18
N GLU A 355 27.52 21.77 -5.63
CA GLU A 355 27.61 21.50 -7.06
C GLU A 355 26.35 20.81 -7.57
N GLN A 356 25.77 19.90 -6.77
CA GLN A 356 24.54 19.25 -7.18
C GLN A 356 23.38 20.24 -7.26
N ILE A 357 23.33 21.19 -6.32
CA ILE A 357 22.28 22.20 -6.35
C ILE A 357 22.53 23.21 -7.45
N ARG A 358 23.80 23.50 -7.76
CA ARG A 358 24.10 24.31 -8.94
C ARG A 358 23.60 23.61 -10.19
N TYR A 359 23.77 22.28 -10.26
CA TYR A 359 23.24 21.52 -11.40
C TYR A 359 21.73 21.62 -11.48
N LEU A 360 21.05 21.51 -10.34
CA LEU A 360 19.59 21.62 -10.34
C LEU A 360 19.15 23.01 -10.80
N VAL A 361 19.83 24.06 -10.34
CA VAL A 361 19.48 25.40 -10.77
C VAL A 361 19.70 25.57 -12.27
N SER A 362 20.78 24.98 -12.79
CA SER A 362 21.06 25.09 -14.21
C SER A 362 19.98 24.45 -15.07
N LEU A 363 19.18 23.55 -14.49
CA LEU A 363 18.09 22.92 -15.22
C LEU A 363 16.83 23.77 -15.24
N GLY A 364 16.82 24.90 -14.53
CA GLY A 364 15.67 25.78 -14.54
C GLY A 364 14.58 25.38 -13.58
N CYS A 365 14.95 25.06 -12.34
CA CYS A 365 13.98 24.66 -11.34
C CYS A 365 13.41 25.83 -10.55
N ILE A 366 14.13 26.95 -10.48
CA ILE A 366 13.67 28.08 -9.68
C ILE A 366 12.34 28.61 -10.19
N LYS A 367 12.20 28.76 -11.51
CA LYS A 367 10.96 29.30 -12.06
C LYS A 367 9.78 28.38 -11.80
N PRO A 368 9.84 27.07 -12.08
CA PRO A 368 8.69 26.20 -11.77
C PRO A 368 8.40 26.10 -10.28
N LEU A 369 9.42 26.25 -9.42
CA LEU A 369 9.16 26.27 -7.99
C LEU A 369 8.45 27.56 -7.59
N CYS A 370 8.86 28.70 -8.16
CA CYS A 370 8.20 29.96 -7.85
C CYS A 370 6.77 29.98 -8.35
N ASP A 371 6.49 29.32 -9.49
CA ASP A 371 5.13 29.32 -10.02
C ASP A 371 4.16 28.60 -9.08
N LEU A 372 4.66 27.74 -8.20
CA LEU A 372 3.81 26.97 -7.31
C LEU A 372 3.50 27.72 -6.02
N LEU A 373 4.06 28.90 -5.81
CA LEU A 373 3.78 29.65 -4.59
C LEU A 373 2.39 30.28 -4.58
N THR A 374 1.66 30.19 -5.68
CA THR A 374 0.34 30.81 -5.80
C THR A 374 -0.79 29.80 -5.80
N VAL A 375 -0.53 28.56 -5.41
CA VAL A 375 -1.53 27.50 -5.48
C VAL A 375 -2.30 27.47 -4.16
N MET A 376 -3.44 26.78 -4.17
CA MET A 376 -4.30 26.72 -3.00
C MET A 376 -3.85 25.66 -2.00
N ASP A 377 -3.06 24.67 -2.43
CA ASP A 377 -2.57 23.63 -1.53
C ASP A 377 -1.41 24.18 -0.73
N SER A 378 -1.64 24.49 0.55
CA SER A 378 -0.60 25.09 1.38
C SER A 378 0.61 24.18 1.49
N LYS A 379 0.43 22.86 1.35
CA LYS A 379 1.55 21.94 1.46
C LYS A 379 2.51 22.11 0.28
N ILE A 380 1.97 22.24 -0.93
CA ILE A 380 2.82 22.51 -2.09
C ILE A 380 3.59 23.81 -1.89
N VAL A 381 2.90 24.84 -1.39
CA VAL A 381 3.55 26.13 -1.16
C VAL A 381 4.71 25.99 -0.19
N GLN A 382 4.49 25.23 0.90
CA GLN A 382 5.54 25.08 1.89
C GLN A 382 6.75 24.34 1.32
N VAL A 383 6.51 23.29 0.53
CA VAL A 383 7.62 22.55 -0.08
C VAL A 383 8.41 23.46 -1.01
N ALA A 384 7.70 24.23 -1.84
CA ALA A 384 8.39 25.13 -2.76
C ALA A 384 9.18 26.19 -1.99
N LEU A 385 8.61 26.72 -0.91
CA LEU A 385 9.31 27.71 -0.11
C LEU A 385 10.59 27.14 0.48
N ASN A 386 10.53 25.91 0.99
CA ASN A 386 11.71 25.29 1.58
C ASN A 386 12.79 25.05 0.52
N GLY A 387 12.38 24.65 -0.69
CA GLY A 387 13.34 24.47 -1.75
C GLY A 387 14.05 25.76 -2.10
N LEU A 388 13.27 26.83 -2.32
CA LEU A 388 13.87 28.13 -2.61
C LEU A 388 14.75 28.60 -1.46
N GLU A 389 14.35 28.29 -0.22
CA GLU A 389 15.16 28.67 0.93
C GLU A 389 16.53 27.99 0.89
N ASN A 390 16.56 26.69 0.59
CA ASN A 390 17.83 25.99 0.51
C ASN A 390 18.71 26.57 -0.58
N ILE A 391 18.13 26.84 -1.75
CA ILE A 391 18.90 27.41 -2.85
C ILE A 391 19.48 28.76 -2.44
N LEU A 392 18.67 29.59 -1.79
CA LEU A 392 19.16 30.89 -1.36
C LEU A 392 20.22 30.78 -0.27
N ARG A 393 20.10 29.79 0.60
CA ARG A 393 21.10 29.60 1.65
C ARG A 393 22.46 29.31 1.04
N LEU A 394 22.51 28.39 0.07
CA LEU A 394 23.78 28.11 -0.59
C LEU A 394 24.24 29.27 -1.44
N GLY A 395 23.31 30.06 -1.98
CA GLY A 395 23.70 31.29 -2.64
C GLY A 395 24.42 32.24 -1.71
N GLU A 396 23.91 32.39 -0.49
CA GLU A 396 24.57 33.23 0.49
C GLU A 396 25.95 32.69 0.85
N GLN A 397 26.06 31.38 1.05
CA GLN A 397 27.36 30.79 1.37
C GLN A 397 28.36 31.03 0.25
N GLU A 398 27.94 30.88 -1.00
CA GLU A 398 28.86 31.11 -2.11
C GLU A 398 29.23 32.58 -2.23
N GLY A 399 28.27 33.47 -1.96
CA GLY A 399 28.60 34.89 -1.93
C GLY A 399 29.61 35.22 -0.86
N LYS A 400 29.53 34.54 0.29
CA LYS A 400 30.52 34.71 1.34
C LYS A 400 31.90 34.25 0.85
N ARG A 401 31.96 33.05 0.28
CA ARG A 401 33.24 32.54 -0.22
C ARG A 401 33.82 33.48 -1.26
N SER A 402 32.99 34.01 -2.16
CA SER A 402 33.48 34.96 -3.16
C SER A 402 33.87 36.29 -2.55
N GLY A 403 33.43 36.58 -1.33
CA GLY A 403 33.65 37.87 -0.73
C GLY A 403 32.94 39.02 -1.39
N SER A 404 32.10 38.74 -2.39
CA SER A 404 31.38 39.78 -3.12
C SER A 404 30.01 40.08 -2.51
N GLY A 405 29.52 39.23 -1.62
CA GLY A 405 28.17 39.40 -1.12
C GLY A 405 27.09 39.23 -2.15
N VAL A 406 27.42 38.62 -3.28
CA VAL A 406 26.51 38.46 -4.40
C VAL A 406 25.89 37.08 -4.32
N ASN A 407 24.62 37.02 -3.90
CA ASN A 407 23.84 35.79 -3.97
C ASN A 407 23.44 35.56 -5.42
N PRO A 408 24.08 34.63 -6.13
CA PRO A 408 23.80 34.50 -7.57
C PRO A 408 22.37 34.07 -7.88
N TYR A 409 21.69 33.43 -6.94
CA TYR A 409 20.36 32.88 -7.16
C TYR A 409 19.25 33.83 -6.72
N CYS A 410 19.60 34.98 -6.13
CA CYS A 410 18.59 36.00 -5.84
C CYS A 410 18.05 36.60 -7.13
N GLY A 411 18.94 36.94 -8.06
CA GLY A 411 18.50 37.49 -9.34
C GLY A 411 17.65 36.51 -10.14
N LEU A 412 17.89 35.21 -9.96
CA LEU A 412 17.10 34.23 -10.68
C LEU A 412 15.68 34.17 -10.13
N ILE A 413 15.52 34.23 -8.82
CA ILE A 413 14.18 34.33 -8.24
C ILE A 413 13.52 35.63 -8.66
N GLU A 414 14.31 36.70 -8.86
CA GLU A 414 13.75 37.96 -9.34
C GLU A 414 13.23 37.81 -10.76
N GLU A 415 14.03 37.20 -11.64
CA GLU A 415 13.59 37.00 -13.01
C GLU A 415 12.34 36.15 -13.08
N ALA A 416 12.12 35.27 -12.10
CA ALA A 416 10.92 34.45 -12.04
C ALA A 416 9.72 35.20 -11.48
N TYR A 417 9.89 36.48 -11.11
CA TYR A 417 8.81 37.25 -10.49
C TYR A 417 8.28 36.53 -9.25
N GLY A 418 9.19 35.93 -8.50
CA GLY A 418 8.80 35.17 -7.32
C GLY A 418 8.94 35.95 -6.03
N LEU A 419 9.66 37.08 -6.08
CA LEU A 419 9.85 37.88 -4.88
C LEU A 419 8.53 38.39 -4.34
N ASP A 420 7.70 38.98 -5.21
CA ASP A 420 6.40 39.47 -4.77
C ASP A 420 5.47 38.33 -4.38
N LYS A 421 5.68 37.14 -4.93
CA LYS A 421 4.90 35.98 -4.48
C LYS A 421 5.25 35.62 -3.03
N ILE A 422 6.54 35.62 -2.69
CA ILE A 422 6.94 35.38 -1.31
C ILE A 422 6.37 36.47 -0.41
N GLU A 423 6.37 37.72 -0.89
CA GLU A 423 5.81 38.81 -0.11
C GLU A 423 4.31 38.60 0.12
N PHE A 424 3.58 38.21 -0.92
CA PHE A 424 2.15 37.98 -0.78
C PHE A 424 1.86 36.86 0.22
N LEU A 425 2.78 35.91 0.36
CA LEU A 425 2.55 34.78 1.26
C LEU A 425 2.68 35.17 2.73
N GLN A 426 3.03 36.42 3.04
CA GLN A 426 3.03 36.89 4.42
C GLN A 426 1.63 37.09 4.96
N SER A 427 0.62 37.13 4.08
CA SER A 427 -0.78 37.23 4.48
C SER A 427 -1.52 35.90 4.41
N HIS A 428 -0.80 34.79 4.36
CA HIS A 428 -1.44 33.48 4.28
C HIS A 428 -2.09 33.08 5.60
N GLU A 429 -3.08 32.20 5.50
CA GLU A 429 -3.74 31.71 6.70
C GLU A 429 -2.87 30.73 7.47
N ASN A 430 -2.10 29.92 6.77
CA ASN A 430 -1.18 28.99 7.43
C ASN A 430 -0.03 29.73 8.08
N GLN A 431 0.17 29.46 9.37
CA GLN A 431 1.23 30.16 10.09
C GLN A 431 2.61 29.72 9.61
N GLU A 432 2.80 28.42 9.36
CA GLU A 432 4.10 27.97 8.88
C GLU A 432 4.50 28.71 7.61
N ILE A 433 3.57 28.91 6.68
CA ILE A 433 3.90 29.57 5.43
C ILE A 433 4.23 31.05 5.65
N TYR A 434 3.36 31.78 6.38
CA TYR A 434 3.55 33.22 6.49
C TYR A 434 4.71 33.55 7.44
N GLN A 435 5.00 32.67 8.39
CA GLN A 435 6.23 32.84 9.18
C GLN A 435 7.47 32.47 8.36
N LYS A 436 7.37 31.51 7.45
CA LYS A 436 8.49 31.22 6.55
C LYS A 436 8.64 32.30 5.49
N ALA A 437 7.56 32.93 5.07
CA ALA A 437 7.66 34.00 4.09
C ALA A 437 8.31 35.25 4.69
N PHE A 438 8.05 35.53 5.96
CA PHE A 438 8.67 36.68 6.60
C PHE A 438 10.16 36.43 6.82
N ASP A 439 10.53 35.20 7.18
CA ASP A 439 11.93 34.90 7.45
C ASP A 439 12.76 35.06 6.18
N LEU A 440 12.28 34.54 5.07
CA LEU A 440 13.02 34.63 3.82
C LEU A 440 13.22 36.09 3.42
N ILE A 441 12.14 36.88 3.43
CA ILE A 441 12.25 38.27 3.02
C ILE A 441 13.20 39.04 3.92
N GLU A 442 13.26 38.67 5.21
CA GLU A 442 14.13 39.36 6.15
C GLU A 442 15.59 38.97 5.95
N HIS A 443 15.86 37.69 5.72
CA HIS A 443 17.24 37.23 5.69
C HIS A 443 17.89 37.47 4.33
N TYR A 444 17.17 37.18 3.24
CA TYR A 444 17.78 37.17 1.92
C TYR A 444 17.42 38.37 1.05
N PHE A 445 16.29 39.03 1.30
CA PHE A 445 15.84 40.10 0.43
C PHE A 445 15.89 41.45 1.12
N GLY A 446 17.02 41.78 1.74
CA GLY A 446 17.18 43.05 2.39
C GLY A 446 17.89 44.08 1.52
#